data_8WS6
#
_entry.id   8WS6
#
_cell.length_a   1.00
_cell.length_b   1.00
_cell.length_c   1.00
_cell.angle_alpha   90.00
_cell.angle_beta   90.00
_cell.angle_gamma   90.00
#
_symmetry.space_group_name_H-M   'P 1'
#
loop_
_entity.id
_entity.type
_entity.pdbx_description
1 polymer Cas12-1
2 polymer TS
3 polymer crRNA
4 polymer NTS
#
loop_
_entity_poly.entity_id
_entity_poly.type
_entity_poly.pdbx_seq_one_letter_code
_entity_poly.pdbx_strand_id
1 'polypeptide(L)'
;MTPKTETPVGALIKKFFPGKRFQKNYLKDAGKKLKREGEAAAVEYLSGKQEDHPANFCPPAKVNILAQSRPLSEWPINLV
SKGVQEYVYGLTAAEREANGDFGTSRKSLDRWFARTGVPTHGYTTVQGLNLILRHTFNRYDGVIKKVETRNEKRRSKATR
INVSREADGLPPIEAEPEETAFGPDGKLKERPGINPSIYCYQQVSPVPYNPAKHPALPFSGVDPGAPLPLGTPNRLSIPK
GQPGYVPEWQRPHLSTKNKRIRKWYARANWRRKPGRKSVLDEAKLKEAALKEAIPIIVTIGKDWIVMDARGLLRAVYWRG
IAKPGLSLKELLGFFSGDPVLDPKRGIATFTFKLGAVAVHSRKPTRGKKSKELLLSMTAEKPHVGLVAIDLGQTNPVAAE
FSRVKREGETLQAEPLGQIVLPDDLVKDLTRYRRAWDATEEQIKAEAIVQLPEECRAEVVKVNQMSAEETKHLILDRGVS
GDLPWEKMTSNTTFISDHLLAKGVTDQVFFEKKSKGKKKGTETVKRKDYGWVKLLRPRLSQETRKAVNDKTWELKRASTE
YVRLSRRKTELARRCVNYIVRETKRWTQCEDIAIVIEDLNVRFFHGSGERPDGWDNFFISKRENRWFIQVLHKAFSDLAL
HRGLPVIEANPARTSITCIRCGHCDRNNRHGEMFLCLSCNDLRHADREIATRNLTRVAVTGEMIPRRIEPGEQSGDTKKA
RSARKGKKAVISKREAA
;
A
2 'polydeoxyribonucleotide'
;(DC)(DT)(DG)(DC)(DC)(DC)(DT)(DT)(DG)(DC)(DA)(DA)(DG)(DA)(DA)(DG)(DT)(DC)(DC)(DA)
(DG)(DC)(DA)(DC)(DG)(DT)(DA)(DG)(DG)(DG)(DG)(DA)(DG)(DA)(DA)(DT)(DT)(DG)(DG)(DC)
(DC)(DA)
;
C
3 'polyribonucleotide' UCAACGCUUGCUCGGUUCGCCGAGACUCCCCUACGUGCUGCUGAAG B
4 'polydeoxyribonucleotide'
;(DT)(DG)(DG)(DC)(DC)(DA)(DA)(DT)(DT)(DC)(DT)(DC)(DC)(DC)(DC)(DT)(DA)(DC)(DG)(DT)
(DG)(DC)(DT)(DG)(DG)(DA)(DC)(DT)(DT)(DC)(DT)(DT)(DG)(DC)(DA)(DA)(DG)(DG)(DG)(DC)
(DA)(DG)
;
D
#
# COMPACT_ATOMS: atom_id res chain seq x y z
N CYS A 58 3.91 3.99 -13.07
CA CYS A 58 2.87 3.26 -12.35
C CYS A 58 2.25 4.11 -11.24
N PRO A 59 1.32 4.98 -11.61
CA PRO A 59 0.67 5.86 -10.62
C PRO A 59 -0.13 5.06 -9.62
N PRO A 60 -0.32 5.59 -8.41
CA PRO A 60 -1.03 4.84 -7.37
C PRO A 60 -2.53 4.86 -7.56
N ALA A 61 -3.20 3.97 -6.82
CA ALA A 61 -4.65 3.91 -6.74
C ALA A 61 -5.00 3.34 -5.37
N LYS A 62 -5.99 3.94 -4.71
CA LYS A 62 -6.29 3.62 -3.32
C LYS A 62 -7.74 3.21 -3.10
N VAL A 63 -7.92 2.15 -2.31
CA VAL A 63 -9.23 1.57 -2.04
C VAL A 63 -9.41 1.46 -0.54
N ASN A 64 -10.67 1.35 -0.11
CA ASN A 64 -11.03 1.29 1.30
C ASN A 64 -11.42 -0.12 1.69
N ILE A 65 -10.95 -0.56 2.85
CA ILE A 65 -11.29 -1.88 3.38
C ILE A 65 -12.71 -1.84 3.92
N LEU A 66 -13.49 -2.88 3.63
CA LEU A 66 -14.89 -2.93 4.05
C LEU A 66 -15.10 -4.02 5.09
N ALA A 67 -14.31 -5.08 5.02
CA ALA A 67 -14.46 -6.20 5.93
C ALA A 67 -13.08 -6.70 6.33
N GLN A 68 -12.99 -7.33 7.50
CA GLN A 68 -11.73 -7.72 8.09
C GLN A 68 -11.98 -8.83 9.10
N SER A 69 -11.45 -10.02 8.83
CA SER A 69 -11.65 -11.14 9.73
C SER A 69 -11.00 -10.88 11.08
N ARG A 70 -9.72 -10.53 11.09
CA ARG A 70 -8.99 -10.06 12.25
C ARG A 70 -8.15 -8.87 11.81
N PRO A 71 -7.73 -7.98 12.71
CA PRO A 71 -6.93 -6.82 12.29
C PRO A 71 -5.62 -7.25 11.64
N LEU A 72 -5.05 -6.37 10.82
CA LEU A 72 -3.86 -6.68 10.05
C LEU A 72 -2.61 -6.80 10.91
N SER A 73 -2.70 -6.49 12.20
CA SER A 73 -1.59 -6.66 13.11
C SER A 73 -1.55 -8.01 13.80
N GLU A 74 -2.60 -8.83 13.63
CA GLU A 74 -2.65 -10.17 14.20
C GLU A 74 -2.45 -11.22 13.10
N TRP A 75 -1.95 -10.78 11.94
CA TRP A 75 -1.74 -11.63 10.78
C TRP A 75 -0.36 -12.26 10.82
N PRO A 76 -0.26 -13.57 10.61
CA PRO A 76 1.07 -14.21 10.57
C PRO A 76 2.01 -13.62 9.54
N ILE A 77 1.48 -13.06 8.45
CA ILE A 77 2.33 -12.40 7.46
C ILE A 77 2.99 -11.17 8.06
N ASN A 78 2.28 -10.47 8.94
CA ASN A 78 2.84 -9.27 9.56
C ASN A 78 3.59 -9.61 10.85
N LEU A 79 3.12 -10.63 11.58
CA LEU A 79 3.81 -11.05 12.79
C LEU A 79 5.21 -11.57 12.47
N VAL A 80 5.33 -12.37 11.41
CA VAL A 80 6.64 -12.84 10.98
C VAL A 80 7.49 -11.68 10.49
N SER A 81 6.90 -10.78 9.71
CA SER A 81 7.65 -9.66 9.15
C SER A 81 8.25 -8.78 10.24
N LYS A 82 7.46 -8.48 11.27
CA LYS A 82 7.97 -7.69 12.39
C LYS A 82 9.10 -8.42 13.11
N GLY A 83 8.94 -9.74 13.31
CA GLY A 83 9.98 -10.49 13.99
C GLY A 83 11.27 -10.61 13.19
N VAL A 84 11.16 -10.71 11.87
CA VAL A 84 12.34 -10.86 11.04
C VAL A 84 13.25 -9.64 11.15
N GLN A 85 12.69 -8.44 11.00
CA GLN A 85 13.53 -7.25 10.93
C GLN A 85 13.97 -6.74 12.30
N GLU A 86 13.22 -7.03 13.36
CA GLU A 86 13.72 -6.72 14.70
C GLU A 86 15.00 -7.49 14.99
N TYR A 87 15.05 -8.77 14.60
CA TYR A 87 16.27 -9.55 14.78
C TYR A 87 17.41 -8.98 13.93
N VAL A 88 17.12 -8.63 12.68
CA VAL A 88 18.16 -8.15 11.76
C VAL A 88 18.70 -6.79 12.15
N TYR A 89 17.86 -5.85 12.55
CA TYR A 89 18.29 -4.48 12.83
C TYR A 89 19.13 -4.39 14.09
N GLY A 90 19.44 -5.51 14.74
CA GLY A 90 20.34 -5.51 15.86
C GLY A 90 21.58 -6.34 15.61
N LEU A 91 22.09 -6.28 14.39
CA LEU A 91 23.28 -7.04 14.05
C LEU A 91 24.49 -6.12 13.97
N THR A 92 25.65 -6.73 14.10
CA THR A 92 26.92 -6.08 13.83
C THR A 92 27.28 -6.31 12.36
N ALA A 93 28.19 -5.50 11.82
CA ALA A 93 28.64 -5.64 10.43
C ALA A 93 29.28 -6.98 10.13
N ALA A 94 29.49 -7.79 11.16
CA ALA A 94 30.11 -9.10 11.02
C ALA A 94 29.11 -10.23 11.20
N GLU A 95 28.07 -10.03 12.01
CA GLU A 95 27.04 -11.05 12.15
C GLU A 95 26.14 -11.08 10.93
N ARG A 96 25.94 -9.93 10.28
CA ARG A 96 25.10 -9.88 9.10
C ARG A 96 25.69 -10.71 7.96
N GLU A 97 27.00 -10.63 7.77
CA GLU A 97 27.64 -11.39 6.70
C GLU A 97 27.45 -12.88 6.89
N ALA A 98 27.61 -13.36 8.13
CA ALA A 98 27.40 -14.78 8.40
C ALA A 98 25.94 -15.15 8.28
N ASN A 99 25.04 -14.25 8.65
CA ASN A 99 23.60 -14.51 8.62
C ASN A 99 22.92 -13.90 7.39
N GLY A 100 23.70 -13.44 6.41
CA GLY A 100 23.14 -12.88 5.20
C GLY A 100 23.09 -13.87 4.05
N ASP A 101 23.26 -15.14 4.36
CA ASP A 101 23.20 -16.22 3.37
C ASP A 101 21.78 -16.78 3.41
N PHE A 102 20.83 -15.99 2.93
CA PHE A 102 19.43 -16.39 2.86
C PHE A 102 19.08 -16.63 1.40
N GLY A 103 18.57 -17.84 1.12
CA GLY A 103 18.21 -18.21 -0.23
C GLY A 103 16.78 -17.82 -0.56
N THR A 104 16.39 -18.12 -1.79
CA THR A 104 15.01 -17.90 -2.25
C THR A 104 14.30 -19.23 -2.49
N SER A 105 14.59 -20.20 -1.63
CA SER A 105 14.10 -21.56 -1.79
C SER A 105 13.46 -22.04 -0.49
N ARG A 106 12.73 -23.14 -0.59
CA ARG A 106 12.05 -23.72 0.56
C ARG A 106 13.06 -24.18 1.60
N LYS A 107 14.09 -24.89 1.16
CA LYS A 107 15.06 -25.44 2.11
C LYS A 107 15.90 -24.35 2.77
N SER A 108 16.32 -23.35 1.98
CA SER A 108 17.16 -22.29 2.52
C SER A 108 16.42 -21.49 3.59
N LEU A 109 15.16 -21.14 3.31
CA LEU A 109 14.38 -20.36 4.27
C LEU A 109 14.04 -21.16 5.52
N ASP A 110 14.00 -22.48 5.44
CA ASP A 110 13.85 -23.33 6.61
C ASP A 110 15.16 -23.54 7.34
N ARG A 111 16.28 -23.15 6.73
CA ARG A 111 17.58 -23.10 7.38
C ARG A 111 17.78 -21.76 8.09
N TRP A 112 17.40 -20.67 7.44
CA TRP A 112 17.57 -19.34 8.02
C TRP A 112 16.66 -19.15 9.23
N PHE A 113 15.43 -19.66 9.17
CA PHE A 113 14.47 -19.48 10.25
C PHE A 113 14.70 -20.45 11.40
N ALA A 114 15.64 -21.39 11.27
CA ALA A 114 16.02 -22.27 12.36
C ALA A 114 17.40 -21.96 12.91
N ARG A 115 18.34 -21.53 12.06
CA ARG A 115 19.66 -21.14 12.55
C ARG A 115 19.60 -19.82 13.30
N THR A 116 18.76 -18.89 12.84
CA THR A 116 18.76 -17.52 13.35
C THR A 116 17.64 -17.27 14.36
N GLY A 117 16.97 -18.32 14.83
CA GLY A 117 16.03 -18.17 15.92
C GLY A 117 14.67 -17.62 15.57
N VAL A 118 14.63 -16.65 14.65
CA VAL A 118 13.44 -15.87 14.30
C VAL A 118 12.21 -16.77 14.14
N PRO A 119 11.20 -16.62 15.01
CA PRO A 119 10.06 -17.54 14.96
C PRO A 119 9.19 -17.31 13.73
N THR A 120 8.50 -18.38 13.33
CA THR A 120 7.44 -18.31 12.33
C THR A 120 6.13 -18.71 12.98
N HIS A 121 5.10 -17.87 12.82
CA HIS A 121 3.83 -18.06 13.49
C HIS A 121 2.88 -18.96 12.71
N GLY A 122 3.38 -19.63 11.67
CA GLY A 122 2.54 -20.44 10.81
C GLY A 122 2.71 -20.03 9.36
N TYR A 123 3.67 -19.15 9.12
CA TYR A 123 3.93 -18.59 7.80
C TYR A 123 5.13 -19.31 7.19
N THR A 124 4.86 -20.00 6.09
CA THR A 124 5.84 -20.77 5.34
C THR A 124 5.52 -20.62 3.85
N THR A 125 5.30 -19.39 3.43
CA THR A 125 5.01 -19.10 2.03
C THR A 125 6.23 -18.47 1.38
N VAL A 126 6.80 -19.14 0.39
CA VAL A 126 8.08 -18.66 -0.15
C VAL A 126 7.92 -17.28 -0.77
N GLN A 127 6.90 -17.09 -1.60
CA GLN A 127 6.70 -15.79 -2.24
C GLN A 127 6.43 -14.67 -1.25
N GLY A 128 5.97 -15.00 -0.04
CA GLY A 128 5.72 -14.00 0.97
C GLY A 128 6.85 -13.88 1.97
N LEU A 129 7.94 -14.62 1.73
CA LEU A 129 9.12 -14.47 2.57
C LEU A 129 10.31 -13.92 1.79
N ASN A 130 10.18 -13.74 0.48
CA ASN A 130 11.18 -13.04 -0.31
C ASN A 130 10.85 -11.56 -0.46
N LEU A 131 9.69 -11.12 0.02
CA LEU A 131 9.39 -9.70 0.16
C LEU A 131 9.66 -9.19 1.56
N ILE A 132 9.97 -10.09 2.51
CA ILE A 132 10.35 -9.70 3.86
C ILE A 132 11.85 -9.80 4.08
N LEU A 133 12.49 -10.87 3.59
CA LEU A 133 13.92 -11.05 3.77
C LEU A 133 14.77 -10.37 2.71
N ARG A 134 14.17 -9.88 1.62
CA ARG A 134 14.90 -9.04 0.69
C ARG A 134 14.76 -7.56 1.01
N HIS A 135 13.61 -7.13 1.54
CA HIS A 135 13.43 -5.73 1.91
C HIS A 135 14.23 -5.39 3.16
N THR A 136 14.27 -6.29 4.13
CA THR A 136 14.90 -5.98 5.42
C THR A 136 16.40 -5.75 5.24
N PHE A 137 17.09 -6.67 4.57
CA PHE A 137 18.54 -6.52 4.40
C PHE A 137 18.87 -5.41 3.41
N ASN A 138 17.97 -5.12 2.47
CA ASN A 138 18.23 -4.05 1.52
C ASN A 138 18.08 -2.68 2.19
N ARG A 139 17.16 -2.56 3.15
CA ARG A 139 17.12 -1.35 3.96
C ARG A 139 18.29 -1.29 4.93
N TYR A 140 18.79 -2.46 5.35
CA TYR A 140 19.93 -2.47 6.25
C TYR A 140 21.12 -1.81 5.54
N ASP A 141 21.44 -2.26 4.34
CA ASP A 141 22.55 -1.67 3.61
C ASP A 141 22.28 -0.21 3.24
N GLY A 142 21.02 0.21 3.29
CA GLY A 142 20.70 1.59 2.97
C GLY A 142 21.33 2.58 3.94
N VAL A 143 21.36 2.24 5.22
CA VAL A 143 21.97 3.12 6.22
C VAL A 143 23.46 3.26 5.97
N ILE A 144 24.15 2.15 5.70
CA ILE A 144 25.57 2.22 5.39
C ILE A 144 25.79 2.96 4.08
N LYS A 145 24.96 2.70 3.08
CA LYS A 145 25.07 3.42 1.82
C LYS A 145 24.80 4.91 2.02
N LYS A 146 23.80 5.24 2.84
CA LYS A 146 23.53 6.64 3.15
C LYS A 146 24.76 7.33 3.71
N VAL A 147 25.52 6.61 4.53
CA VAL A 147 26.73 7.17 5.11
C VAL A 147 27.78 7.41 4.02
N GLU A 148 28.02 6.38 3.20
CA GLU A 148 29.12 6.39 2.25
C GLU A 148 28.74 6.93 0.89
N THR A 149 27.52 7.41 0.71
CA THR A 149 27.20 8.31 -0.39
C THR A 149 27.32 9.77 0.01
N ARG A 150 27.59 10.02 1.29
CA ARG A 150 27.85 11.36 1.80
C ARG A 150 29.33 11.47 2.14
N ASN A 151 29.86 10.43 2.78
CA ASN A 151 31.28 10.35 3.10
C ASN A 151 32.09 10.31 1.81
N GLU A 152 31.49 9.75 0.76
CA GLU A 152 32.09 9.76 -0.57
C GLU A 152 32.30 11.19 -1.05
N LYS A 153 31.31 12.03 -0.80
CA LYS A 153 31.35 13.45 -1.11
C LYS A 153 32.32 14.20 -0.18
N ARG A 154 32.56 13.65 1.01
CA ARG A 154 33.62 14.12 1.89
C ARG A 154 35.00 13.72 1.37
N ARG A 155 35.11 12.53 0.78
CA ARG A 155 36.36 12.15 0.15
C ARG A 155 36.48 12.72 -1.28
N SER A 156 35.34 13.16 -1.83
CA SER A 156 35.36 14.08 -2.97
C SER A 156 35.69 15.49 -2.53
N LYS A 157 35.38 15.86 -1.29
CA LYS A 157 35.74 17.16 -0.76
C LYS A 157 37.24 17.19 -0.55
N ALA A 158 37.79 16.05 -0.12
CA ALA A 158 39.24 15.94 -0.05
C ALA A 158 39.88 16.11 -1.42
N THR A 159 39.22 15.63 -2.48
CA THR A 159 39.69 15.91 -3.84
C THR A 159 39.61 17.40 -4.15
N ARG A 160 38.53 18.05 -3.73
CA ARG A 160 38.36 19.48 -4.03
C ARG A 160 39.46 20.31 -3.40
N ILE A 161 39.77 20.05 -2.11
CA ILE A 161 40.85 20.80 -1.46
C ILE A 161 42.20 20.40 -2.05
N ASN A 162 42.36 19.14 -2.44
CA ASN A 162 43.62 18.70 -3.02
C ASN A 162 43.89 19.39 -4.36
N VAL A 163 42.87 19.50 -5.22
CA VAL A 163 43.09 20.01 -6.58
C VAL A 163 43.74 21.39 -6.53
N SER A 164 43.25 22.26 -5.64
CA SER A 164 43.87 23.57 -5.49
C SER A 164 45.26 23.46 -4.84
N ARG A 165 45.53 22.34 -4.16
CA ARG A 165 46.73 22.26 -3.34
C ARG A 165 48.00 22.07 -4.18
N GLU A 166 47.96 21.21 -5.19
CA GLU A 166 49.14 21.07 -6.05
C GLU A 166 49.37 22.35 -6.87
N ALA A 167 48.30 23.06 -7.21
CA ALA A 167 48.45 24.35 -7.88
C ALA A 167 49.22 25.34 -7.01
N ASP A 168 48.90 25.37 -5.71
CA ASP A 168 49.66 26.20 -4.79
C ASP A 168 51.04 25.59 -4.52
N GLY A 169 51.12 24.26 -4.52
CA GLY A 169 52.36 23.57 -4.26
C GLY A 169 52.62 23.23 -2.81
N LEU A 170 51.77 23.68 -1.90
CA LEU A 170 51.96 23.40 -0.49
C LEU A 170 51.61 21.95 -0.17
N PRO A 171 52.10 21.42 0.96
CA PRO A 171 51.67 20.08 1.38
C PRO A 171 50.18 20.07 1.68
N PRO A 172 49.52 18.93 1.50
CA PRO A 172 48.07 18.87 1.72
C PRO A 172 47.70 19.23 3.17
N ILE A 173 46.57 19.93 3.31
CA ILE A 173 46.12 20.34 4.63
C ILE A 173 45.36 19.19 5.30
N GLU A 174 45.28 19.26 6.63
CA GLU A 174 44.55 18.25 7.39
C GLU A 174 43.08 18.26 7.01
N ALA A 175 42.48 17.07 7.00
CA ALA A 175 41.08 16.90 6.62
C ALA A 175 40.34 16.12 7.69
N GLU A 176 39.02 16.30 7.66
CA GLU A 176 38.06 15.57 8.45
C GLU A 176 38.22 14.03 8.34
N PRO A 177 38.05 13.28 9.45
CA PRO A 177 38.08 11.83 9.25
C PRO A 177 36.77 11.27 8.73
N GLU A 178 36.69 9.95 8.63
CA GLU A 178 35.51 9.26 8.13
C GLU A 178 34.64 8.83 9.30
N GLU A 179 33.33 8.96 9.13
CA GLU A 179 32.36 8.61 10.16
C GLU A 179 31.61 7.36 9.70
N THR A 180 31.63 6.33 10.52
CA THR A 180 30.96 5.08 10.20
C THR A 180 29.48 5.13 10.60
N ALA A 181 28.82 3.98 10.51
CA ALA A 181 27.41 3.84 10.86
C ALA A 181 27.19 2.87 12.01
N PHE A 182 28.25 2.32 12.59
CA PHE A 182 28.14 1.34 13.67
C PHE A 182 28.74 1.90 14.95
N GLY A 183 28.05 1.69 16.06
CA GLY A 183 28.49 2.19 17.34
C GLY A 183 29.68 1.45 17.88
N PRO A 184 30.11 1.78 19.10
CA PRO A 184 31.28 1.11 19.69
C PRO A 184 31.12 -0.39 19.82
N ASP A 185 29.90 -0.87 20.06
CA ASP A 185 29.63 -2.29 20.21
C ASP A 185 29.46 -3.00 18.88
N GLY A 186 29.50 -2.27 17.77
CA GLY A 186 29.32 -2.85 16.46
C GLY A 186 27.91 -2.80 15.93
N LYS A 187 26.91 -2.55 16.79
CA LYS A 187 25.54 -2.42 16.34
C LYS A 187 25.37 -1.11 15.58
N LEU A 188 24.45 -1.13 14.61
CA LEU A 188 24.20 0.00 13.73
C LEU A 188 23.79 1.22 14.54
N LYS A 189 24.28 2.40 14.18
CA LYS A 189 23.98 3.58 14.98
C LYS A 189 22.54 4.05 14.80
N GLU A 190 22.13 4.32 13.56
CA GLU A 190 20.81 4.86 13.26
C GLU A 190 19.92 3.70 12.82
N ARG A 191 19.45 2.93 13.79
CA ARG A 191 18.76 1.68 13.49
C ARG A 191 17.42 1.97 12.82
N PRO A 192 17.15 1.36 11.67
CA PRO A 192 15.88 1.58 10.98
C PRO A 192 14.69 1.19 11.85
N GLY A 193 13.52 1.57 11.36
CA GLY A 193 12.28 1.27 12.07
C GLY A 193 11.46 0.24 11.31
N ILE A 194 10.48 -0.31 12.01
CA ILE A 194 9.68 -1.39 11.45
C ILE A 194 8.73 -0.84 10.40
N ASN A 195 8.78 -1.42 9.21
CA ASN A 195 7.80 -1.09 8.17
C ASN A 195 6.52 -1.88 8.41
N PRO A 196 5.39 -1.22 8.64
CA PRO A 196 4.12 -1.92 8.88
C PRO A 196 3.40 -2.39 7.61
N SER A 197 3.95 -2.13 6.43
CA SER A 197 3.25 -2.43 5.19
C SER A 197 3.30 -3.93 4.91
N ILE A 198 2.12 -4.51 4.66
CA ILE A 198 2.03 -5.92 4.29
C ILE A 198 2.03 -6.05 2.78
N TYR A 199 3.21 -6.25 2.20
CA TYR A 199 3.33 -6.39 0.76
C TYR A 199 2.72 -7.73 0.33
N CYS A 200 1.97 -7.71 -0.76
CA CYS A 200 1.28 -8.89 -1.26
C CYS A 200 2.09 -9.60 -2.33
N TYR A 201 1.75 -10.87 -2.54
CA TYR A 201 2.44 -11.73 -3.49
C TYR A 201 1.41 -12.33 -4.45
N GLN A 202 1.91 -13.10 -5.42
CA GLN A 202 1.08 -13.50 -6.56
C GLN A 202 -0.09 -14.38 -6.13
N GLN A 203 0.18 -15.44 -5.36
CA GLN A 203 -0.84 -16.47 -5.16
C GLN A 203 -1.97 -15.96 -4.29
N VAL A 204 -1.77 -14.79 -3.69
CA VAL A 204 -2.84 -14.09 -2.99
C VAL A 204 -3.07 -12.71 -3.61
N SER A 205 -4.01 -12.66 -4.53
CA SER A 205 -4.32 -11.44 -5.26
C SER A 205 -5.83 -11.20 -5.17
N PRO A 206 -6.27 -9.96 -5.31
CA PRO A 206 -7.71 -9.68 -5.24
C PRO A 206 -8.47 -10.41 -6.35
N VAL A 207 -9.62 -10.94 -5.97
CA VAL A 207 -10.52 -11.62 -6.90
C VAL A 207 -11.95 -11.17 -6.59
N PRO A 208 -12.87 -11.23 -7.55
CA PRO A 208 -14.26 -10.86 -7.26
C PRO A 208 -14.86 -11.71 -6.17
N TYR A 209 -15.71 -11.09 -5.35
CA TYR A 209 -16.35 -11.80 -4.27
C TYR A 209 -17.43 -12.74 -4.80
N ASN A 210 -17.46 -13.96 -4.26
CA ASN A 210 -18.45 -14.96 -4.60
C ASN A 210 -19.14 -15.45 -3.33
N PRO A 211 -20.47 -15.34 -3.25
CA PRO A 211 -21.16 -15.78 -2.02
C PRO A 211 -21.03 -17.27 -1.74
N ALA A 212 -20.70 -18.07 -2.75
CA ALA A 212 -20.67 -19.52 -2.57
C ALA A 212 -19.36 -19.98 -1.94
N LYS A 213 -18.24 -19.72 -2.61
CA LYS A 213 -16.95 -20.24 -2.15
C LYS A 213 -16.37 -19.37 -1.04
N HIS A 214 -16.29 -18.07 -1.28
CA HIS A 214 -15.76 -17.17 -0.27
C HIS A 214 -16.70 -17.13 0.94
N PRO A 215 -16.20 -16.81 2.13
CA PRO A 215 -17.03 -16.98 3.34
C PRO A 215 -18.26 -16.10 3.33
N ALA A 216 -19.30 -16.58 4.00
CA ALA A 216 -20.54 -15.84 4.10
C ALA A 216 -20.31 -14.50 4.78
N LEU A 217 -20.88 -13.46 4.17
CA LEU A 217 -20.60 -12.08 4.52
C LEU A 217 -21.74 -11.14 4.05
N PRO A 218 -22.29 -10.27 4.95
CA PRO A 218 -23.38 -9.43 4.45
C PRO A 218 -22.91 -8.41 3.42
N PHE A 219 -23.21 -8.70 2.15
CA PHE A 219 -22.78 -7.90 1.01
C PHE A 219 -23.58 -8.29 -0.22
N SER A 220 -23.19 -7.75 -1.38
CA SER A 220 -23.74 -8.16 -2.65
C SER A 220 -22.60 -8.56 -3.57
N GLY A 221 -22.78 -9.71 -4.24
CA GLY A 221 -21.77 -10.22 -5.14
C GLY A 221 -22.10 -9.87 -6.58
N VAL A 222 -21.06 -9.51 -7.31
CA VAL A 222 -21.18 -9.13 -8.72
C VAL A 222 -20.40 -10.13 -9.56
N ASP A 223 -21.07 -10.65 -10.59
CA ASP A 223 -20.46 -11.54 -11.57
C ASP A 223 -19.48 -10.76 -12.43
N PRO A 224 -18.24 -11.27 -12.54
CA PRO A 224 -17.27 -10.71 -13.48
C PRO A 224 -17.90 -10.44 -14.85
N GLY A 225 -18.65 -11.41 -15.38
CA GLY A 225 -19.19 -11.29 -16.73
C GLY A 225 -20.03 -10.04 -16.92
N ALA A 226 -20.85 -9.71 -15.93
CA ALA A 226 -21.70 -8.53 -16.03
C ALA A 226 -20.87 -7.26 -15.91
N PRO A 227 -20.92 -6.37 -16.90
CA PRO A 227 -20.17 -5.11 -16.79
C PRO A 227 -20.66 -4.29 -15.59
N LEU A 228 -19.72 -3.56 -14.98
CA LEU A 228 -20.07 -2.73 -13.83
C LEU A 228 -21.06 -1.65 -14.25
N PRO A 229 -22.17 -1.49 -13.53
CA PRO A 229 -23.18 -0.52 -13.96
C PRO A 229 -22.69 0.91 -13.84
N LEU A 230 -23.31 1.78 -14.63
CA LEU A 230 -23.01 3.20 -14.65
C LEU A 230 -24.04 3.90 -13.78
N GLY A 231 -23.61 4.35 -12.60
CA GLY A 231 -24.53 4.90 -11.64
C GLY A 231 -25.06 6.27 -12.03
N THR A 232 -26.10 6.68 -11.33
CA THR A 232 -26.84 7.92 -11.63
C THR A 232 -26.70 8.42 -13.07
N PRO A 233 -27.25 7.68 -14.04
CA PRO A 233 -27.10 8.11 -15.43
C PRO A 233 -27.80 9.43 -15.65
N ASN A 234 -29.09 9.46 -15.33
CA ASN A 234 -29.87 10.69 -15.27
C ASN A 234 -29.77 11.31 -13.87
N ARG A 235 -30.20 12.56 -13.77
CA ARG A 235 -30.04 13.34 -12.55
C ARG A 235 -31.37 13.92 -12.09
N LEU A 236 -32.20 14.29 -13.06
CA LEU A 236 -33.38 15.11 -12.77
C LEU A 236 -34.67 14.30 -12.92
N SER A 237 -34.55 12.98 -12.98
CA SER A 237 -35.69 12.13 -13.27
C SER A 237 -36.31 11.55 -12.00
N ILE A 238 -35.79 11.99 -10.85
CA ILE A 238 -36.27 11.51 -9.57
C ILE A 238 -37.43 12.40 -9.14
N PRO A 239 -38.55 11.79 -8.71
CA PRO A 239 -39.67 12.54 -8.12
C PRO A 239 -39.37 13.12 -6.75
N LYS A 240 -40.21 14.07 -6.32
CA LYS A 240 -39.93 14.91 -5.17
C LYS A 240 -39.70 14.11 -3.88
N GLY A 241 -38.58 14.40 -3.22
CA GLY A 241 -38.32 13.88 -1.89
C GLY A 241 -37.29 12.77 -1.86
N GLN A 242 -37.43 11.81 -2.77
CA GLN A 242 -36.58 10.62 -2.79
C GLN A 242 -35.10 11.00 -2.87
N PRO A 243 -34.29 10.50 -1.90
CA PRO A 243 -32.88 10.86 -1.78
C PRO A 243 -32.14 10.85 -3.11
N GLY A 244 -31.80 12.04 -3.60
CA GLY A 244 -31.25 12.19 -4.94
C GLY A 244 -32.08 13.18 -5.73
N TYR A 245 -33.16 13.65 -5.12
CA TYR A 245 -34.04 14.61 -5.78
C TYR A 245 -33.36 15.97 -5.90
N VAL A 246 -33.29 16.47 -7.13
CA VAL A 246 -32.76 17.81 -7.39
C VAL A 246 -33.90 18.80 -7.38
N PRO A 247 -33.85 19.84 -6.54
CA PRO A 247 -34.91 20.85 -6.55
C PRO A 247 -34.93 21.61 -7.86
N GLU A 248 -36.12 22.13 -8.20
CA GLU A 248 -36.34 22.73 -9.51
C GLU A 248 -35.53 24.00 -9.75
N TRP A 249 -35.18 24.74 -8.69
CA TRP A 249 -34.45 25.98 -8.87
C TRP A 249 -32.98 25.72 -9.20
N GLN A 250 -32.44 24.60 -8.73
CA GLN A 250 -31.04 24.29 -9.00
C GLN A 250 -30.84 23.80 -10.43
N ARG A 251 -31.90 23.34 -11.07
CA ARG A 251 -31.77 22.77 -12.41
C ARG A 251 -31.20 23.75 -13.43
N PRO A 252 -31.62 25.02 -13.48
CA PRO A 252 -30.87 25.98 -14.29
C PRO A 252 -29.46 26.17 -13.75
N HIS A 253 -28.54 26.48 -14.66
CA HIS A 253 -27.15 26.79 -14.33
C HIS A 253 -26.39 25.59 -13.75
N LEU A 254 -26.76 24.38 -14.14
CA LEU A 254 -25.96 23.21 -13.81
C LEU A 254 -24.75 23.16 -14.74
N SER A 255 -23.93 22.11 -14.60
CA SER A 255 -22.70 22.01 -15.37
C SER A 255 -22.99 21.61 -16.81
N THR A 256 -22.38 22.34 -17.74
CA THR A 256 -22.39 21.97 -19.15
C THR A 256 -21.13 21.21 -19.54
N LYS A 257 -20.30 20.86 -18.56
CA LYS A 257 -19.06 20.13 -18.78
C LYS A 257 -19.15 18.78 -18.09
N ASN A 258 -18.46 17.79 -18.66
CA ASN A 258 -18.44 16.44 -18.12
C ASN A 258 -17.40 16.37 -17.01
N LYS A 259 -17.86 16.25 -15.77
CA LYS A 259 -16.99 16.17 -14.60
C LYS A 259 -17.35 14.92 -13.82
N ARG A 260 -16.65 14.71 -12.72
CA ARG A 260 -16.99 13.62 -11.82
C ARG A 260 -18.36 13.87 -11.21
N ILE A 261 -19.17 12.83 -11.12
CA ILE A 261 -20.51 12.91 -10.57
C ILE A 261 -20.49 12.28 -9.18
N ARG A 262 -20.84 13.06 -8.17
CA ARG A 262 -20.92 12.61 -6.79
C ARG A 262 -22.28 11.98 -6.54
N LYS A 263 -22.30 10.97 -5.68
CA LYS A 263 -23.56 10.33 -5.35
C LYS A 263 -24.06 10.86 -4.00
N TRP A 264 -25.36 10.71 -3.76
CA TRP A 264 -26.03 11.50 -2.72
C TRP A 264 -25.47 11.24 -1.32
N TYR A 265 -24.83 10.09 -1.11
CA TYR A 265 -24.29 9.77 0.21
C TYR A 265 -22.79 10.02 0.30
N ALA A 266 -22.24 10.88 -0.56
CA ALA A 266 -20.84 11.26 -0.45
C ALA A 266 -20.65 12.19 0.75
N ARG A 267 -19.52 12.00 1.43
CA ARG A 267 -19.23 12.82 2.61
C ARG A 267 -18.96 14.27 2.23
N ALA A 268 -18.47 14.50 1.01
CA ALA A 268 -18.25 15.88 0.57
C ALA A 268 -19.56 16.65 0.49
N ASN A 269 -20.67 15.95 0.22
CA ASN A 269 -21.98 16.59 0.17
C ASN A 269 -22.54 16.86 1.55
N TRP A 270 -22.00 16.24 2.59
CA TRP A 270 -22.55 16.32 3.93
C TRP A 270 -21.54 16.83 4.95
N ARG A 271 -20.36 17.25 4.49
CA ARG A 271 -19.30 17.66 5.40
C ARG A 271 -19.71 18.94 6.11
N ARG A 272 -19.43 19.01 7.41
CA ARG A 272 -19.83 20.16 8.21
C ARG A 272 -18.96 21.37 7.90
N LYS A 273 -19.60 22.53 7.81
CA LYS A 273 -18.91 23.78 7.53
C LYS A 273 -19.79 24.92 8.02
N PRO A 274 -19.22 26.11 8.25
CA PRO A 274 -20.01 27.18 8.87
C PRO A 274 -21.27 27.56 8.12
N GLY A 275 -21.26 27.44 6.78
CA GLY A 275 -22.42 27.79 5.98
C GLY A 275 -23.41 26.67 5.74
N ARG A 276 -23.21 25.49 6.31
CA ARG A 276 -24.06 24.33 6.05
C ARG A 276 -24.91 24.00 7.27
N LYS A 277 -26.17 23.67 7.02
CA LYS A 277 -27.11 23.29 8.07
C LYS A 277 -27.69 21.91 7.80
N SER A 278 -26.86 21.01 7.27
CA SER A 278 -27.27 19.65 6.96
C SER A 278 -26.84 18.73 8.10
N VAL A 279 -27.78 17.91 8.57
CA VAL A 279 -27.52 17.01 9.69
C VAL A 279 -26.77 15.79 9.19
N LEU A 280 -25.68 15.43 9.88
CA LEU A 280 -24.89 14.25 9.58
C LEU A 280 -25.37 13.10 10.46
N ASP A 281 -25.89 12.05 9.83
CA ASP A 281 -26.26 10.81 10.50
C ASP A 281 -25.58 9.65 9.78
N GLU A 282 -24.53 9.10 10.39
CA GLU A 282 -23.73 8.06 9.77
C GLU A 282 -24.40 6.69 9.86
N ALA A 283 -25.62 6.62 10.35
CA ALA A 283 -26.42 5.41 10.31
C ALA A 283 -27.09 5.21 8.96
N LYS A 284 -26.99 6.19 8.06
CA LYS A 284 -27.56 6.10 6.73
C LYS A 284 -26.49 6.23 5.64
N LEU A 285 -25.53 7.12 5.81
CA LEU A 285 -24.48 7.33 4.82
C LEU A 285 -23.45 6.21 4.85
N LYS A 286 -23.49 5.37 5.88
CA LYS A 286 -22.59 4.23 5.99
C LYS A 286 -23.31 2.91 5.79
N GLU A 287 -24.58 2.95 5.37
CA GLU A 287 -25.31 1.75 5.01
C GLU A 287 -25.76 1.74 3.55
N ALA A 288 -26.04 2.90 2.96
CA ALA A 288 -26.37 2.94 1.54
C ALA A 288 -25.17 2.61 0.68
N ALA A 289 -23.97 2.97 1.14
CA ALA A 289 -22.76 2.70 0.37
C ALA A 289 -22.41 1.22 0.34
N LEU A 290 -22.84 0.45 1.34
CA LEU A 290 -22.47 -0.96 1.39
C LEU A 290 -23.22 -1.76 0.33
N LYS A 291 -24.49 -1.41 0.06
CA LYS A 291 -25.25 -2.14 -0.92
C LYS A 291 -24.71 -1.95 -2.33
N GLU A 292 -24.23 -0.74 -2.64
CA GLU A 292 -23.72 -0.43 -3.97
C GLU A 292 -22.22 -0.64 -4.09
N ALA A 293 -21.58 -1.24 -3.08
CA ALA A 293 -20.13 -1.40 -3.11
C ALA A 293 -19.71 -2.50 -4.09
N ILE A 294 -18.43 -2.48 -4.44
CA ILE A 294 -17.85 -3.48 -5.34
C ILE A 294 -16.78 -4.24 -4.57
N PRO A 295 -17.11 -5.40 -4.01
CA PRO A 295 -16.16 -6.11 -3.13
C PRO A 295 -15.12 -6.91 -3.91
N ILE A 296 -13.86 -6.70 -3.57
CA ILE A 296 -12.75 -7.54 -4.04
C ILE A 296 -12.04 -8.08 -2.80
N ILE A 297 -11.69 -9.36 -2.83
CA ILE A 297 -11.25 -10.09 -1.64
C ILE A 297 -9.82 -10.56 -1.82
N VAL A 298 -9.00 -10.34 -0.79
CA VAL A 298 -7.64 -10.86 -0.72
C VAL A 298 -7.58 -11.80 0.49
N THR A 299 -7.24 -13.06 0.26
CA THR A 299 -7.32 -14.10 1.28
C THR A 299 -5.94 -14.72 1.50
N ILE A 300 -5.33 -14.40 2.63
CA ILE A 300 -4.06 -14.98 3.04
C ILE A 300 -4.34 -16.03 4.10
N GLY A 301 -4.09 -17.30 3.77
CA GLY A 301 -4.33 -18.36 4.73
C GLY A 301 -5.80 -18.43 5.10
N LYS A 302 -6.07 -18.38 6.41
CA LYS A 302 -7.43 -18.36 6.91
C LYS A 302 -7.95 -16.94 7.12
N ASP A 303 -7.21 -15.93 6.68
CA ASP A 303 -7.58 -14.53 6.88
C ASP A 303 -7.87 -13.88 5.54
N TRP A 304 -8.97 -13.12 5.47
CA TRP A 304 -9.48 -12.56 4.22
C TRP A 304 -9.78 -11.07 4.43
N ILE A 305 -9.41 -10.26 3.44
CA ILE A 305 -9.79 -8.85 3.44
C ILE A 305 -10.71 -8.56 2.27
N VAL A 306 -11.83 -7.92 2.54
CA VAL A 306 -12.73 -7.44 1.49
C VAL A 306 -12.61 -5.93 1.36
N MET A 307 -12.35 -5.47 0.14
CA MET A 307 -12.09 -4.06 -0.12
C MET A 307 -13.21 -3.50 -0.98
N ASP A 308 -13.05 -2.23 -1.36
CA ASP A 308 -14.03 -1.53 -2.20
C ASP A 308 -13.41 -1.09 -3.52
N ALA A 309 -13.75 -1.81 -4.58
CA ALA A 309 -13.13 -1.62 -5.89
C ALA A 309 -13.51 -0.29 -6.53
N ARG A 310 -14.44 0.45 -5.93
CA ARG A 310 -14.85 1.74 -6.47
C ARG A 310 -13.71 2.75 -6.51
N GLY A 311 -12.67 2.57 -5.70
CA GLY A 311 -11.53 3.46 -5.72
C GLY A 311 -10.67 3.25 -6.94
N LEU A 312 -10.79 2.07 -7.55
CA LEU A 312 -10.13 1.78 -8.81
C LEU A 312 -11.00 2.17 -10.01
N LEU A 313 -12.33 2.07 -9.87
CA LEU A 313 -13.23 2.45 -10.94
C LEU A 313 -13.13 3.95 -11.25
N ARG A 314 -13.02 4.78 -10.22
CA ARG A 314 -12.88 6.21 -10.43
C ARG A 314 -11.57 6.54 -11.14
N ALA A 315 -10.50 5.81 -10.81
CA ALA A 315 -9.18 6.13 -11.34
C ALA A 315 -9.14 5.99 -12.85
N VAL A 316 -9.67 4.89 -13.39
CA VAL A 316 -9.62 4.67 -14.83
C VAL A 316 -10.54 5.65 -15.56
N TYR A 317 -11.60 6.10 -14.90
CA TYR A 317 -12.55 7.02 -15.55
C TYR A 317 -11.92 8.37 -15.85
N TRP A 318 -11.26 8.97 -14.86
CA TRP A 318 -10.72 10.31 -15.03
C TRP A 318 -9.37 10.33 -15.73
N ARG A 319 -8.79 9.16 -16.02
CA ARG A 319 -7.53 9.08 -16.75
C ARG A 319 -7.73 8.57 -18.18
N GLY A 320 -8.96 8.26 -18.57
CA GLY A 320 -9.29 7.90 -19.94
C GLY A 320 -8.99 6.47 -20.31
N ILE A 321 -8.55 5.65 -19.35
CA ILE A 321 -8.16 4.28 -19.67
C ILE A 321 -9.39 3.43 -20.02
N ALA A 322 -10.45 3.55 -19.25
CA ALA A 322 -11.61 2.69 -19.43
C ALA A 322 -12.89 3.51 -19.42
N LYS A 323 -13.87 3.07 -20.21
CA LYS A 323 -15.15 3.75 -20.33
C LYS A 323 -16.17 3.20 -19.34
N PRO A 324 -17.45 3.57 -19.52
CA PRO A 324 -18.47 3.16 -18.59
C PRO A 324 -18.68 1.66 -18.53
N GLY A 325 -18.59 0.99 -19.68
CA GLY A 325 -18.85 -0.44 -19.79
C GLY A 325 -17.53 -1.19 -19.64
N LEU A 326 -17.28 -1.71 -18.45
CA LEU A 326 -16.12 -2.53 -18.19
C LEU A 326 -16.51 -3.64 -17.23
N SER A 327 -15.91 -4.82 -17.39
CA SER A 327 -16.17 -5.90 -16.48
C SER A 327 -15.25 -5.78 -15.26
N LEU A 328 -15.55 -6.55 -14.22
CA LEU A 328 -14.75 -6.51 -13.01
C LEU A 328 -13.36 -7.10 -13.28
N LYS A 329 -13.32 -8.08 -14.16
CA LYS A 329 -12.07 -8.72 -14.55
C LYS A 329 -11.13 -7.68 -15.17
N GLU A 330 -11.65 -6.89 -16.10
CA GLU A 330 -10.86 -5.86 -16.78
C GLU A 330 -10.44 -4.76 -15.83
N LEU A 331 -11.31 -4.41 -14.88
CA LEU A 331 -10.96 -3.39 -13.89
C LEU A 331 -9.78 -3.85 -13.05
N LEU A 332 -9.84 -5.08 -12.52
CA LEU A 332 -8.73 -5.65 -11.77
C LEU A 332 -7.54 -5.99 -12.66
N GLY A 333 -7.74 -6.14 -13.96
CA GLY A 333 -6.68 -6.45 -14.89
C GLY A 333 -5.85 -5.29 -15.35
N PHE A 334 -6.21 -4.07 -14.94
CA PHE A 334 -5.44 -2.87 -15.26
C PHE A 334 -4.43 -2.54 -14.17
N PHE A 335 -4.36 -3.37 -13.13
CA PHE A 335 -3.54 -3.11 -11.96
C PHE A 335 -2.69 -4.32 -11.64
N SER A 336 -1.62 -4.08 -10.86
CA SER A 336 -0.77 -5.16 -10.42
C SER A 336 -1.52 -6.08 -9.46
N GLY A 337 -1.10 -7.34 -9.44
CA GLY A 337 -1.72 -8.32 -8.57
C GLY A 337 -1.09 -8.35 -7.20
N ASP A 338 -0.36 -7.29 -6.87
CA ASP A 338 0.37 -7.19 -5.61
C ASP A 338 0.01 -5.89 -4.90
N PRO A 339 -1.16 -5.81 -4.28
CA PRO A 339 -1.50 -4.62 -3.50
C PRO A 339 -0.50 -4.35 -2.38
N VAL A 340 -0.55 -3.14 -1.85
CA VAL A 340 0.18 -2.78 -0.65
C VAL A 340 -0.83 -2.34 0.40
N LEU A 341 -0.65 -2.84 1.62
CA LEU A 341 -1.64 -2.65 2.67
C LEU A 341 -1.07 -1.76 3.77
N ASP A 342 -1.93 -0.94 4.34
CA ASP A 342 -1.57 -0.07 5.46
C ASP A 342 -2.46 -0.40 6.66
N PRO A 343 -1.98 -1.21 7.60
CA PRO A 343 -2.83 -1.61 8.72
C PRO A 343 -3.35 -0.46 9.56
N LYS A 344 -2.54 0.58 9.77
CA LYS A 344 -2.94 1.67 10.65
C LYS A 344 -4.04 2.51 10.01
N ARG A 345 -3.89 2.86 8.73
CA ARG A 345 -4.88 3.72 8.08
C ARG A 345 -6.14 2.94 7.73
N GLY A 346 -6.01 1.67 7.36
CA GLY A 346 -7.14 0.90 6.89
C GLY A 346 -7.39 1.15 5.41
N ILE A 347 -6.33 1.05 4.62
CA ILE A 347 -6.38 1.38 3.20
C ILE A 347 -5.49 0.41 2.46
N ALA A 348 -5.77 0.21 1.18
CA ALA A 348 -4.95 -0.63 0.31
C ALA A 348 -4.57 0.17 -0.93
N THR A 349 -3.29 0.14 -1.27
CA THR A 349 -2.75 0.96 -2.36
C THR A 349 -2.43 0.05 -3.54
N PHE A 350 -3.27 0.11 -4.57
CA PHE A 350 -3.01 -0.57 -5.82
C PHE A 350 -2.12 0.29 -6.72
N THR A 351 -1.47 -0.37 -7.68
CA THR A 351 -0.64 0.31 -8.67
C THR A 351 -1.06 -0.14 -10.05
N PHE A 352 -0.72 0.68 -11.05
CA PHE A 352 -1.08 0.40 -12.43
C PHE A 352 -0.07 -0.54 -13.08
N LYS A 353 -0.12 -0.67 -14.40
CA LYS A 353 0.87 -1.44 -15.14
C LYS A 353 1.64 -0.48 -16.05
N LEU A 354 2.54 -1.05 -16.86
CA LEU A 354 3.40 -0.23 -17.70
C LEU A 354 2.62 0.49 -18.80
N GLY A 355 1.42 0.03 -19.10
CA GLY A 355 0.59 0.67 -20.11
C GLY A 355 -0.71 1.22 -19.57
#